data_5CTN
#
_entry.id   5CTN
#
_cell.length_a   47.802
_cell.length_b   80.002
_cell.length_c   64.949
_cell.angle_alpha   90.000
_cell.angle_beta   92.850
_cell.angle_gamma   90.000
#
_symmetry.space_group_name_H-M   'P 1 21 1'
#
loop_
_entity.id
_entity.type
_entity.pdbx_description
1 polymer Beta-lactamase
2 non-polymer '(2~{S},3~{R})-3-methyl-2-[(2~{S},3~{R})-3-oxidanyl-1-oxidanylidene-butan-2-yl]-4-[(3~{S},5~{S})-5-[(sulfamoylamino)meth yl]pyrrolidin-3-yl]sulfanyl-3,4-dihydro-2~{H}-pyrrole-5-carboxylic acid'
3 non-polymer 'CITRATE ANION'
4 water water
#
_entity_poly.entity_id   1
_entity_poly.type   'polypeptide(L)'
_entity_poly.pdbx_seq_one_letter_code
;SIAWSVDEFFKNREGTFVIQEVKEKSPWVYNKKRAKERFAPQSTFKVANALIGLQTGAVRDEYDIKYWDGVKREIDNWNR
DHTLGSGMRDSVVWYYQAMARDIGEERMNHWVKAIHYGNKDISGGIDQFWLSSTLRISPIEQVRFLKQLYEETLPFDLKN
MRTVKRMMVQEEEKHATLYGKTGSGSDIGWYVGFIKHEHKTYILATNIKGTGIEAKDITYRILKKYHLMEASV
;
_entity_poly.pdbx_strand_id   A,B
#
# COMPACT_ATOMS: atom_id res chain seq x y z
N SER A 1 4.90 24.25 -16.36
CA SER A 1 3.61 24.57 -15.76
C SER A 1 2.46 24.27 -16.74
N ILE A 2 1.33 23.85 -16.19
CA ILE A 2 0.20 23.45 -17.00
C ILE A 2 -0.85 24.56 -17.14
N ALA A 3 -1.15 24.93 -18.38
CA ALA A 3 -2.16 25.94 -18.66
C ALA A 3 -3.54 25.31 -18.61
N TRP A 4 -4.06 25.12 -17.39
CA TRP A 4 -5.33 24.43 -17.20
C TRP A 4 -6.51 25.12 -17.88
N SER A 5 -7.32 24.33 -18.56
CA SER A 5 -8.57 24.78 -19.13
C SER A 5 -9.53 23.59 -19.04
N VAL A 6 -10.63 23.77 -18.29
CA VAL A 6 -11.50 22.63 -17.97
C VAL A 6 -12.99 22.91 -18.13
N ASP A 7 -13.34 24.04 -18.75
CA ASP A 7 -14.75 24.43 -18.91
CA ASP A 7 -14.75 24.42 -18.89
C ASP A 7 -15.57 23.33 -19.59
N GLU A 8 -14.95 22.62 -20.53
CA GLU A 8 -15.67 21.64 -21.34
C GLU A 8 -16.11 20.42 -20.53
N PHE A 9 -15.56 20.26 -19.34
CA PHE A 9 -15.93 19.13 -18.50
C PHE A 9 -17.04 19.48 -17.51
N PHE A 10 -17.46 20.74 -17.53
CA PHE A 10 -18.48 21.22 -16.58
C PHE A 10 -19.67 21.86 -17.30
N LYS A 11 -19.94 21.43 -18.52
CA LYS A 11 -21.05 21.99 -19.30
C LYS A 11 -22.40 21.65 -18.71
N ASN A 12 -22.52 20.44 -18.16
CA ASN A 12 -23.82 19.93 -17.72
C ASN A 12 -23.90 19.76 -16.20
N ARG A 13 -22.83 20.15 -15.51
CA ARG A 13 -22.82 20.14 -14.05
C ARG A 13 -22.27 21.46 -13.53
N GLU A 14 -22.90 22.02 -12.51
CA GLU A 14 -22.27 23.09 -11.75
C GLU A 14 -21.13 22.48 -10.94
N GLY A 15 -19.93 23.05 -11.03
CA GLY A 15 -18.81 22.44 -10.33
C GLY A 15 -17.57 23.29 -10.24
N THR A 16 -16.61 22.80 -9.46
CA THR A 16 -15.34 23.47 -9.27
C THR A 16 -14.21 22.45 -9.33
N PHE A 17 -13.03 22.91 -9.72
CA PHE A 17 -11.84 22.09 -9.78
C PHE A 17 -10.68 22.87 -9.19
N VAL A 18 -9.95 22.24 -8.28
CA VAL A 18 -8.81 22.86 -7.62
C VAL A 18 -7.63 21.93 -7.81
N ILE A 19 -6.51 22.44 -8.33
CA ILE A 19 -5.35 21.57 -8.54
C ILE A 19 -4.05 22.33 -8.32
N GLN A 20 -3.09 21.65 -7.71
CA GLN A 20 -1.84 22.28 -7.31
C GLN A 20 -0.69 21.31 -7.36
N GLU A 21 0.32 21.61 -8.16
CA GLU A 21 1.58 20.84 -8.08
C GLU A 21 2.22 21.18 -6.75
N VAL A 22 2.87 20.21 -6.11
CA VAL A 22 3.26 20.42 -4.71
C VAL A 22 4.32 21.50 -4.53
N LYS A 23 5.04 21.86 -5.59
CA LYS A 23 6.03 22.93 -5.50
C LYS A 23 5.42 24.30 -5.78
N GLU A 24 4.19 24.34 -6.27
CA GLU A 24 3.52 25.60 -6.59
C GLU A 24 3.01 26.27 -5.30
N LYS A 25 3.03 27.60 -5.30
CA LYS A 25 2.68 28.37 -4.11
C LYS A 25 1.18 28.39 -3.85
N SER A 26 0.40 28.34 -4.91
CA SER A 26 -1.05 28.42 -4.82
C SER A 26 -1.68 27.46 -5.80
N PRO A 27 -2.91 27.01 -5.50
CA PRO A 27 -3.60 26.15 -6.46
C PRO A 27 -4.18 26.92 -7.65
N TRP A 28 -4.35 26.22 -8.76
CA TRP A 28 -5.15 26.73 -9.87
C TRP A 28 -6.61 26.37 -9.61
N VAL A 29 -7.50 27.32 -9.84
CA VAL A 29 -8.91 27.13 -9.49
C VAL A 29 -9.86 27.46 -10.63
N TYR A 30 -10.76 26.52 -10.93
CA TYR A 30 -11.91 26.75 -11.77
C TYR A 30 -13.14 26.93 -10.90
N ASN A 31 -13.88 28.03 -11.11
CA ASN A 31 -15.05 28.40 -10.31
C ASN A 31 -14.65 28.70 -8.86
N LYS A 32 -14.03 29.84 -8.65
CA LYS A 32 -13.49 30.22 -7.35
C LYS A 32 -14.58 30.36 -6.29
N LYS A 33 -15.77 30.82 -6.71
CA LYS A 33 -16.88 30.95 -5.78
C LYS A 33 -17.19 29.63 -5.08
N ARG A 34 -17.40 28.58 -5.87
CA ARG A 34 -17.71 27.28 -5.30
C ARG A 34 -16.50 26.67 -4.60
N ALA A 35 -15.31 26.98 -5.08
CA ALA A 35 -14.09 26.39 -4.49
C ALA A 35 -13.88 26.81 -3.04
N LYS A 36 -14.39 28.00 -2.66
CA LYS A 36 -14.23 28.45 -1.27
C LYS A 36 -15.45 28.16 -0.40
N GLU A 37 -16.50 27.60 -1.00
CA GLU A 37 -17.69 27.23 -0.24
CA GLU A 37 -17.70 27.20 -0.26
C GLU A 37 -17.46 25.87 0.45
N ARG A 38 -17.90 25.78 1.70
CA ARG A 38 -17.75 24.53 2.45
C ARG A 38 -18.94 23.62 2.25
N PHE A 39 -18.63 22.34 2.00
CA PHE A 39 -19.65 21.31 1.82
C PHE A 39 -19.39 20.14 2.74
N ALA A 40 -20.45 19.43 3.13
CA ALA A 40 -20.27 18.18 3.86
C ALA A 40 -19.28 17.31 3.08
N PRO A 41 -18.30 16.69 3.77
CA PRO A 41 -17.25 15.94 3.08
C PRO A 41 -17.75 14.60 2.55
N GLN A 42 -18.87 14.12 3.08
CA GLN A 42 -19.38 12.81 2.74
C GLN A 42 -18.27 11.79 2.93
N SER A 43 -18.16 10.80 2.04
CA SER A 43 -17.20 9.72 2.26
C SER A 43 -15.74 10.14 2.11
N THR A 44 -15.48 11.37 1.66
CA THR A 44 -14.09 11.82 1.61
C THR A 44 -13.53 11.97 3.02
N PHE A 45 -14.40 12.04 4.02
CA PHE A 45 -13.93 12.13 5.41
C PHE A 45 -13.19 10.86 5.83
N LYS A 46 -13.42 9.74 5.12
CA LYS A 46 -12.71 8.49 5.46
C LYS A 46 -11.19 8.67 5.50
N VAL A 47 -10.64 9.59 4.69
CA VAL A 47 -9.20 9.87 4.73
C VAL A 47 -8.78 10.36 6.12
N ALA A 48 -9.45 11.39 6.64
CA ALA A 48 -9.14 11.91 7.97
C ALA A 48 -9.49 10.89 9.06
N ASN A 49 -10.64 10.25 8.92
CA ASN A 49 -11.10 9.26 9.90
C ASN A 49 -10.05 8.15 10.06
N ALA A 50 -9.52 7.65 8.95
CA ALA A 50 -8.52 6.58 9.00
C ALA A 50 -7.24 7.05 9.69
N LEU A 51 -6.78 8.25 9.35
CA LEU A 51 -5.62 8.81 10.03
C LEU A 51 -5.83 8.88 11.53
N ILE A 52 -7.02 9.34 11.94
CA ILE A 52 -7.28 9.52 13.37
C ILE A 52 -7.46 8.17 14.06
N GLY A 53 -8.11 7.24 13.39
CA GLY A 53 -8.26 5.90 13.95
C GLY A 53 -6.93 5.22 14.19
N LEU A 54 -6.01 5.37 13.25
CA LEU A 54 -4.68 4.78 13.43
C LEU A 54 -3.91 5.52 14.52
N GLN A 55 -3.98 6.85 14.52
CA GLN A 55 -3.21 7.63 15.48
C GLN A 55 -3.65 7.35 16.92
N THR A 56 -4.95 7.20 17.12
CA THR A 56 -5.48 6.96 18.46
C THR A 56 -5.39 5.49 18.90
N GLY A 57 -5.05 4.60 17.97
CA GLY A 57 -5.03 3.18 18.26
C GLY A 57 -6.40 2.52 18.22
N ALA A 58 -7.40 3.23 17.71
CA ALA A 58 -8.74 2.64 17.57
C ALA A 58 -8.70 1.48 16.56
N VAL A 59 -7.81 1.59 15.57
CA VAL A 59 -7.53 0.48 14.67
C VAL A 59 -6.02 0.26 14.58
N ARG A 60 -5.62 -0.97 14.25
CA ARG A 60 -4.24 -1.41 14.33
C ARG A 60 -3.44 -1.03 13.07
N ASP A 61 -4.05 -1.23 11.91
CA ASP A 61 -3.38 -1.07 10.62
C ASP A 61 -4.43 -1.21 9.51
N GLU A 62 -3.97 -1.16 8.24
CA GLU A 62 -4.89 -1.24 7.12
C GLU A 62 -5.59 -2.60 7.01
N TYR A 63 -5.09 -3.59 7.76
CA TYR A 63 -5.64 -4.94 7.73
C TYR A 63 -6.47 -5.27 8.96
N ASP A 64 -6.87 -4.25 9.72
CA ASP A 64 -7.65 -4.49 10.93
C ASP A 64 -9.06 -4.93 10.57
N ILE A 65 -9.37 -6.20 10.84
CA ILE A 65 -10.65 -6.77 10.47
C ILE A 65 -11.75 -6.43 11.47
N LYS A 66 -12.88 -5.94 10.95
CA LYS A 66 -14.10 -5.82 11.73
C LYS A 66 -15.15 -6.75 11.14
N TYR A 67 -15.97 -7.31 12.02
CA TYR A 67 -16.91 -8.35 11.61
C TYR A 67 -18.28 -7.77 11.32
N TRP A 68 -18.81 -8.16 10.17
CA TRP A 68 -20.17 -7.79 9.82
C TRP A 68 -21.15 -8.25 10.90
N ASP A 69 -22.05 -7.36 11.29
CA ASP A 69 -22.97 -7.62 12.38
C ASP A 69 -24.23 -8.36 11.94
N GLY A 70 -24.26 -8.79 10.68
CA GLY A 70 -25.40 -9.54 10.18
C GLY A 70 -26.58 -8.66 9.77
N VAL A 71 -26.42 -7.35 9.89
CA VAL A 71 -27.49 -6.44 9.46
C VAL A 71 -27.38 -6.19 7.97
N LYS A 72 -28.45 -6.47 7.25
CA LYS A 72 -28.47 -6.33 5.80
C LYS A 72 -28.56 -4.86 5.42
N ARG A 73 -27.50 -4.34 4.83
CA ARG A 73 -27.47 -2.97 4.42
C ARG A 73 -27.62 -2.86 2.91
N GLU A 74 -27.74 -1.62 2.46
CA GLU A 74 -28.20 -1.25 1.12
CA GLU A 74 -28.23 -1.29 1.13
C GLU A 74 -27.28 -1.70 0.00
N ILE A 75 -25.99 -1.82 0.30
CA ILE A 75 -25.00 -2.23 -0.69
C ILE A 75 -24.52 -3.62 -0.32
N ASP A 76 -24.73 -4.60 -1.20
CA ASP A 76 -24.44 -5.99 -0.90
C ASP A 76 -23.00 -6.20 -0.43
N ASN A 77 -22.09 -5.49 -1.05
CA ASN A 77 -20.67 -5.66 -0.78
C ASN A 77 -20.27 -5.21 0.63
N TRP A 78 -21.15 -4.43 1.25
CA TRP A 78 -21.00 -4.05 2.64
C TRP A 78 -21.34 -5.18 3.61
N ASN A 79 -22.08 -6.18 3.13
CA ASN A 79 -22.65 -7.17 4.03
C ASN A 79 -21.72 -8.37 4.21
N ARG A 80 -20.50 -8.05 4.65
CA ARG A 80 -19.44 -9.02 4.87
C ARG A 80 -18.35 -8.37 5.70
N ASP A 81 -17.38 -9.15 6.15
CA ASP A 81 -16.31 -8.66 6.97
C ASP A 81 -15.43 -7.73 6.15
N HIS A 82 -14.90 -6.69 6.78
CA HIS A 82 -14.06 -5.72 6.08
C HIS A 82 -12.88 -5.31 6.92
N THR A 83 -11.89 -4.72 6.28
CA THR A 83 -10.73 -4.13 6.96
C THR A 83 -10.75 -2.62 6.83
N LEU A 84 -9.85 -1.96 7.53
CA LEU A 84 -9.71 -0.52 7.37
C LEU A 84 -9.48 -0.18 5.90
N GLY A 85 -8.59 -0.94 5.26
CA GLY A 85 -8.26 -0.69 3.86
C GLY A 85 -9.34 -1.06 2.86
N SER A 86 -9.98 -2.23 3.02
CA SER A 86 -11.06 -2.56 2.11
C SER A 86 -12.23 -1.60 2.36
N GLY A 87 -12.36 -1.16 3.60
CA GLY A 87 -13.41 -0.20 3.98
C GLY A 87 -13.26 1.13 3.27
N MET A 88 -12.03 1.57 3.05
CA MET A 88 -11.74 2.78 2.28
CA MET A 88 -11.85 2.81 2.30
C MET A 88 -12.11 2.58 0.81
N ARG A 89 -11.54 1.52 0.24
CA ARG A 89 -11.72 1.22 -1.18
C ARG A 89 -13.20 1.04 -1.54
N ASP A 90 -13.95 0.35 -0.69
CA ASP A 90 -15.36 0.08 -0.96
C ASP A 90 -16.31 1.01 -0.21
N SER A 91 -15.74 2.02 0.44
CA SER A 91 -16.49 3.06 1.16
C SER A 91 -17.52 2.45 2.10
N VAL A 92 -17.04 1.56 2.97
CA VAL A 92 -17.91 0.81 3.86
C VAL A 92 -18.22 1.62 5.11
N VAL A 93 -19.37 2.29 5.08
CA VAL A 93 -19.73 3.23 6.13
C VAL A 93 -19.77 2.60 7.51
N TRP A 94 -20.33 1.40 7.64
CA TRP A 94 -20.47 0.82 8.97
C TRP A 94 -19.11 0.58 9.63
N TYR A 95 -18.09 0.27 8.85
CA TYR A 95 -16.76 0.07 9.42
C TYR A 95 -16.27 1.38 10.03
N TYR A 96 -16.42 2.46 9.26
CA TYR A 96 -15.86 3.74 9.67
C TYR A 96 -16.70 4.38 10.78
N GLN A 97 -17.97 4.04 10.84
CA GLN A 97 -18.81 4.44 11.97
C GLN A 97 -18.38 3.73 13.26
N ALA A 98 -18.10 2.44 13.17
CA ALA A 98 -17.65 1.71 14.34
C ALA A 98 -16.33 2.30 14.84
N MET A 99 -15.42 2.59 13.90
CA MET A 99 -14.16 3.22 14.25
C MET A 99 -14.34 4.59 14.90
N ALA A 100 -15.22 5.43 14.32
CA ALA A 100 -15.52 6.75 14.89
C ALA A 100 -16.02 6.64 16.33
N ARG A 101 -16.89 5.67 16.60
CA ARG A 101 -17.39 5.49 17.95
C ARG A 101 -16.24 5.13 18.92
N ASP A 102 -15.31 4.30 18.47
CA ASP A 102 -14.16 3.92 19.28
C ASP A 102 -13.20 5.09 19.51
N ILE A 103 -13.02 5.92 18.48
CA ILE A 103 -12.23 7.12 18.62
C ILE A 103 -12.86 8.02 19.69
N GLY A 104 -14.17 8.21 19.58
CA GLY A 104 -14.91 8.96 20.59
C GLY A 104 -14.87 10.45 20.36
N GLU A 105 -15.86 11.14 20.94
CA GLU A 105 -16.05 12.56 20.73
C GLU A 105 -14.83 13.40 21.07
N GLU A 106 -14.21 13.16 22.23
CA GLU A 106 -13.12 14.04 22.67
C GLU A 106 -11.90 13.94 21.75
N ARG A 107 -11.52 12.72 21.40
CA ARG A 107 -10.36 12.57 20.53
C ARG A 107 -10.67 13.02 19.10
N MET A 108 -11.87 12.73 18.62
CA MET A 108 -12.23 13.15 17.27
C MET A 108 -12.23 14.66 17.17
N ASN A 109 -12.78 15.30 18.20
CA ASN A 109 -12.83 16.74 18.22
C ASN A 109 -11.43 17.34 18.19
N HIS A 110 -10.54 16.81 19.00
CA HIS A 110 -9.18 17.31 19.02
C HIS A 110 -8.50 17.21 17.66
N TRP A 111 -8.55 16.02 17.07
CA TRP A 111 -7.80 15.79 15.84
C TRP A 111 -8.38 16.53 14.64
N VAL A 112 -9.71 16.65 14.59
CA VAL A 112 -10.35 17.38 13.52
C VAL A 112 -9.95 18.85 13.60
N LYS A 113 -9.83 19.38 14.81
CA LYS A 113 -9.37 20.75 15.00
C LYS A 113 -7.88 20.87 14.66
N ALA A 114 -7.10 19.88 15.07
CA ALA A 114 -5.65 19.92 14.88
C ALA A 114 -5.24 19.92 13.41
N ILE A 115 -6.05 19.29 12.56
CA ILE A 115 -5.74 19.22 11.14
C ILE A 115 -6.53 20.28 10.35
N HIS A 116 -7.23 21.15 11.07
CA HIS A 116 -7.98 22.26 10.47
C HIS A 116 -8.94 21.78 9.39
N TYR A 117 -9.79 20.81 9.74
CA TYR A 117 -10.66 20.21 8.76
C TYR A 117 -11.94 21.04 8.63
N GLY A 118 -11.90 22.03 7.76
CA GLY A 118 -13.07 22.87 7.51
C GLY A 118 -13.57 23.56 8.77
N ASN A 119 -14.88 23.51 9.00
CA ASN A 119 -15.43 24.17 10.19
C ASN A 119 -15.24 23.37 11.47
N LYS A 120 -14.68 22.17 11.33
CA LYS A 120 -14.29 21.34 12.48
C LYS A 120 -15.46 20.96 13.39
N ASP A 121 -16.68 21.02 12.86
CA ASP A 121 -17.87 20.83 13.68
C ASP A 121 -18.38 19.40 13.59
N ILE A 122 -18.18 18.63 14.66
CA ILE A 122 -18.65 17.24 14.68
C ILE A 122 -19.86 17.04 15.58
N SER A 123 -20.54 18.14 15.93
CA SER A 123 -21.69 18.08 16.83
C SER A 123 -22.91 17.34 16.24
N GLY A 124 -22.87 17.05 14.95
CA GLY A 124 -23.92 16.24 14.32
C GLY A 124 -24.05 14.83 14.87
N GLY A 125 -23.03 14.35 15.58
CA GLY A 125 -23.06 13.02 16.17
C GLY A 125 -21.80 12.27 15.79
N ILE A 126 -21.24 11.53 16.73
CA ILE A 126 -19.92 10.93 16.55
C ILE A 126 -19.80 10.02 15.32
N ASP A 127 -20.89 9.36 14.92
CA ASP A 127 -20.82 8.50 13.74
C ASP A 127 -21.72 8.97 12.62
N GLN A 128 -22.03 10.26 12.62
CA GLN A 128 -22.94 10.82 11.63
CA GLN A 128 -22.98 10.86 11.69
CA GLN A 128 -22.97 10.86 11.66
C GLN A 128 -22.46 12.17 11.08
N PHE A 129 -21.50 12.79 11.76
CA PHE A 129 -21.20 14.20 11.44
C PHE A 129 -20.65 14.54 10.05
N TRP A 130 -20.17 13.54 9.33
CA TRP A 130 -19.58 13.77 8.00
C TRP A 130 -20.55 13.58 6.84
N LEU A 131 -21.78 13.11 7.11
CA LEU A 131 -22.75 12.89 6.03
C LEU A 131 -23.84 13.93 6.07
N SER A 132 -23.74 14.90 5.16
CA SER A 132 -24.76 15.94 5.00
C SER A 132 -25.20 16.47 6.36
N SER A 133 -24.21 16.78 7.19
CA SER A 133 -24.43 17.06 8.59
C SER A 133 -23.64 18.32 8.95
N THR A 134 -23.13 18.39 10.19
CA THR A 134 -22.55 19.61 10.70
C THR A 134 -21.16 19.93 10.12
N LEU A 135 -20.36 18.90 9.84
CA LEU A 135 -19.00 19.15 9.35
C LEU A 135 -19.01 19.56 7.88
N ARG A 136 -18.30 20.62 7.54
CA ARG A 136 -18.21 21.07 6.15
C ARG A 136 -16.80 21.56 5.85
N ILE A 137 -16.36 21.33 4.62
CA ILE A 137 -15.00 21.67 4.21
C ILE A 137 -15.03 22.11 2.75
N SER A 138 -14.23 23.11 2.40
CA SER A 138 -14.25 23.58 1.02
C SER A 138 -13.29 22.79 0.14
N PRO A 139 -13.51 22.82 -1.18
CA PRO A 139 -12.53 22.19 -2.08
C PRO A 139 -11.11 22.75 -1.91
N ILE A 140 -10.96 24.04 -1.69
CA ILE A 140 -9.65 24.61 -1.41
C ILE A 140 -9.06 24.01 -0.12
N GLU A 141 -9.90 23.85 0.90
CA GLU A 141 -9.43 23.27 2.18
C GLU A 141 -9.07 21.79 2.06
N GLN A 142 -9.78 21.06 1.20
CA GLN A 142 -9.43 19.66 0.94
C GLN A 142 -8.04 19.58 0.34
N VAL A 143 -7.73 20.46 -0.61
CA VAL A 143 -6.41 20.44 -1.24
C VAL A 143 -5.33 20.81 -0.24
N ARG A 144 -5.59 21.78 0.63
CA ARG A 144 -4.62 22.13 1.67
C ARG A 144 -4.32 20.94 2.59
N PHE A 145 -5.37 20.25 3.00
CA PHE A 145 -5.24 19.09 3.87
C PHE A 145 -4.50 17.94 3.16
N LEU A 146 -4.90 17.66 1.92
CA LEU A 146 -4.27 16.55 1.20
C LEU A 146 -2.83 16.86 0.80
N LYS A 147 -2.51 18.14 0.58
CA LYS A 147 -1.12 18.53 0.33
C LYS A 147 -0.27 18.19 1.54
N GLN A 148 -0.80 18.46 2.73
CA GLN A 148 -0.07 18.17 3.96
C GLN A 148 0.04 16.65 4.17
N LEU A 149 -0.99 15.90 3.79
CA LEU A 149 -0.91 14.44 3.87
C LEU A 149 0.17 13.95 2.93
N TYR A 150 0.15 14.44 1.70
CA TYR A 150 1.16 14.00 0.73
C TYR A 150 2.57 14.33 1.21
N GLU A 151 2.76 15.56 1.67
CA GLU A 151 4.10 16.03 2.08
C GLU A 151 4.47 15.58 3.48
N GLU A 152 3.53 14.91 4.15
CA GLU A 152 3.75 14.30 5.45
C GLU A 152 4.07 15.34 6.52
N THR A 153 3.33 16.44 6.48
CA THR A 153 3.51 17.52 7.46
C THR A 153 2.34 17.66 8.44
N LEU A 154 1.31 16.82 8.28
CA LEU A 154 0.26 16.72 9.29
C LEU A 154 0.84 16.19 10.61
N PRO A 155 0.19 16.49 11.74
CA PRO A 155 0.68 16.06 13.06
C PRO A 155 0.35 14.60 13.38
N PHE A 156 0.41 13.73 12.37
CA PHE A 156 0.26 12.29 12.57
C PHE A 156 1.63 11.62 12.50
N ASP A 157 1.74 10.41 13.06
CA ASP A 157 2.95 9.62 12.90
C ASP A 157 3.17 9.35 11.41
N LEU A 158 4.43 9.39 10.96
CA LEU A 158 4.76 9.14 9.57
C LEU A 158 4.15 7.83 9.07
N LYS A 159 4.29 6.78 9.88
CA LYS A 159 3.78 5.48 9.52
C LYS A 159 2.29 5.52 9.18
N ASN A 160 1.52 6.30 9.93
CA ASN A 160 0.08 6.34 9.72
C ASN A 160 -0.27 7.08 8.43
N MET A 161 0.48 8.14 8.11
CA MET A 161 0.28 8.82 6.84
C MET A 161 0.63 7.93 5.66
N ARG A 162 1.71 7.15 5.77
CA ARG A 162 2.08 6.25 4.68
C ARG A 162 1.04 5.14 4.50
N THR A 163 0.51 4.64 5.61
CA THR A 163 -0.54 3.63 5.55
C THR A 163 -1.78 4.16 4.83
N VAL A 164 -2.23 5.35 5.22
CA VAL A 164 -3.45 5.89 4.63
C VAL A 164 -3.25 6.20 3.13
N LYS A 165 -2.08 6.70 2.76
CA LYS A 165 -1.81 6.91 1.34
C LYS A 165 -1.84 5.58 0.56
N ARG A 166 -1.28 4.50 1.10
CA ARG A 166 -1.41 3.20 0.43
C ARG A 166 -2.87 2.80 0.26
N MET A 167 -3.68 3.04 1.28
CA MET A 167 -5.10 2.71 1.24
CA MET A 167 -5.10 2.68 1.22
C MET A 167 -5.86 3.50 0.17
N MET A 168 -5.32 4.65 -0.19
CA MET A 168 -5.97 5.54 -1.16
C MET A 168 -5.65 5.27 -2.63
N VAL A 169 -4.76 4.31 -2.90
CA VAL A 169 -4.42 4.02 -4.30
C VAL A 169 -5.65 3.64 -5.10
N GLN A 170 -5.87 4.36 -6.18
CA GLN A 170 -7.04 4.22 -7.03
C GLN A 170 -6.72 3.66 -8.41
N GLU A 171 -5.64 4.15 -9.00
CA GLU A 171 -5.19 3.69 -10.30
C GLU A 171 -3.68 3.54 -10.31
N GLU A 172 -3.21 2.43 -10.85
CA GLU A 172 -1.78 2.19 -11.03
C GLU A 172 -1.48 2.15 -12.53
N GLU A 173 -0.55 2.99 -12.98
CA GLU A 173 -0.17 3.02 -14.38
C GLU A 173 1.35 3.02 -14.47
N LYS A 174 1.89 2.80 -15.66
CA LYS A 174 3.34 2.70 -15.83
C LYS A 174 4.06 3.92 -15.23
N HIS A 175 3.54 5.11 -15.50
CA HIS A 175 4.22 6.33 -15.07
C HIS A 175 3.43 7.17 -14.10
N ALA A 176 2.43 6.59 -13.44
CA ALA A 176 1.63 7.35 -12.50
C ALA A 176 0.90 6.47 -11.50
N THR A 177 0.59 7.05 -10.34
CA THR A 177 -0.32 6.43 -9.38
C THR A 177 -1.31 7.51 -8.99
N LEU A 178 -2.60 7.22 -9.14
CA LEU A 178 -3.64 8.12 -8.68
C LEU A 178 -4.09 7.67 -7.30
N TYR A 179 -4.14 8.61 -6.36
CA TYR A 179 -4.65 8.38 -5.03
C TYR A 179 -5.92 9.20 -4.91
N GLY A 180 -6.96 8.66 -4.30
CA GLY A 180 -8.14 9.49 -4.12
C GLY A 180 -9.29 8.82 -3.44
N LYS A 181 -10.36 9.60 -3.27
CA LYS A 181 -11.57 9.12 -2.62
C LYS A 181 -12.81 9.87 -3.11
N THR A 182 -13.86 9.13 -3.44
CA THR A 182 -15.14 9.68 -3.84
C THR A 182 -15.98 10.07 -2.63
N GLY A 183 -16.90 11.01 -2.84
CA GLY A 183 -17.94 11.29 -1.86
C GLY A 183 -19.22 11.65 -2.57
N SER A 184 -20.35 11.23 -1.99
CA SER A 184 -21.69 11.45 -2.54
C SER A 184 -22.68 11.69 -1.43
N GLY A 185 -23.74 12.44 -1.75
CA GLY A 185 -24.88 12.59 -0.87
C GLY A 185 -25.44 14.00 -0.96
N SER A 186 -26.76 14.12 -0.91
CA SER A 186 -27.43 15.43 -1.00
C SER A 186 -26.94 16.26 -2.18
N ASP A 187 -26.71 15.60 -3.32
CA ASP A 187 -26.28 16.24 -4.57
C ASP A 187 -24.93 16.96 -4.44
N ILE A 188 -24.10 16.48 -3.52
CA ILE A 188 -22.73 16.93 -3.41
C ILE A 188 -21.85 15.79 -3.91
N GLY A 189 -21.13 16.06 -4.99
CA GLY A 189 -20.27 15.04 -5.60
C GLY A 189 -18.82 15.45 -5.46
N TRP A 190 -18.06 14.59 -4.76
CA TRP A 190 -16.64 14.83 -4.53
C TRP A 190 -15.74 13.81 -5.20
N TYR A 191 -14.60 14.27 -5.70
CA TYR A 191 -13.45 13.39 -5.83
C TYR A 191 -12.24 14.18 -5.40
N VAL A 192 -11.51 13.69 -4.41
CA VAL A 192 -10.35 14.40 -3.90
C VAL A 192 -9.17 13.46 -3.83
N GLY A 193 -7.96 13.97 -4.02
CA GLY A 193 -6.80 13.11 -3.91
C GLY A 193 -5.56 13.77 -4.48
N PHE A 194 -4.69 12.95 -5.03
CA PHE A 194 -3.48 13.46 -5.65
C PHE A 194 -2.94 12.45 -6.64
N ILE A 195 -2.29 12.95 -7.69
CA ILE A 195 -1.68 12.08 -8.66
C ILE A 195 -0.18 12.33 -8.72
N LYS A 196 0.56 11.23 -8.55
CA LYS A 196 1.99 11.25 -8.74
C LYS A 196 2.28 10.81 -10.17
N HIS A 197 2.89 11.70 -10.96
CA HIS A 197 3.25 11.38 -12.34
C HIS A 197 4.70 11.73 -12.57
N GLU A 198 5.55 10.71 -12.71
CA GLU A 198 6.99 10.91 -12.77
C GLU A 198 7.44 11.71 -11.53
N HIS A 199 8.13 12.82 -11.77
CA HIS A 199 8.66 13.62 -10.67
C HIS A 199 7.77 14.80 -10.27
N LYS A 200 6.53 14.79 -10.75
CA LYS A 200 5.56 15.82 -10.38
C LYS A 200 4.42 15.18 -9.60
N THR A 201 3.86 15.91 -8.64
CA THR A 201 2.68 15.44 -7.90
C THR A 201 1.67 16.57 -7.86
N TYR A 202 0.42 16.26 -8.21
CA TYR A 202 -0.65 17.25 -8.24
C TYR A 202 -1.71 16.88 -7.22
N ILE A 203 -1.98 17.81 -6.30
CA ILE A 203 -3.04 17.65 -5.32
C ILE A 203 -4.33 18.21 -5.94
N LEU A 204 -5.45 17.51 -5.79
CA LEU A 204 -6.66 17.97 -6.46
C LEU A 204 -7.95 17.76 -5.68
N ALA A 205 -8.93 18.58 -6.00
CA ALA A 205 -10.29 18.39 -5.55
C ALA A 205 -11.27 18.77 -6.64
N THR A 206 -12.23 17.88 -6.89
CA THR A 206 -13.34 18.13 -7.78
C THR A 206 -14.60 18.09 -6.95
N ASN A 207 -15.44 19.11 -7.08
CA ASN A 207 -16.69 19.16 -6.35
C ASN A 207 -17.79 19.67 -7.26
N ILE A 208 -18.85 18.89 -7.38
CA ILE A 208 -19.96 19.25 -8.25
C ILE A 208 -21.29 19.11 -7.57
N LYS A 209 -22.28 19.74 -8.17
CA LYS A 209 -23.66 19.40 -7.90
C LYS A 209 -23.98 18.15 -8.69
N GLY A 210 -23.89 17.02 -8.02
CA GLY A 210 -24.00 15.73 -8.69
C GLY A 210 -23.45 14.65 -7.77
N THR A 211 -22.90 13.60 -8.35
CA THR A 211 -22.46 12.43 -7.58
C THR A 211 -20.95 12.26 -7.55
N GLY A 212 -20.47 11.45 -6.62
CA GLY A 212 -19.04 11.17 -6.52
C GLY A 212 -18.50 10.47 -7.76
N ILE A 213 -19.29 9.57 -8.32
CA ILE A 213 -18.85 8.89 -9.54
C ILE A 213 -18.73 9.88 -10.69
N GLU A 214 -19.65 10.83 -10.78
CA GLU A 214 -19.55 11.85 -11.81
C GLU A 214 -18.34 12.74 -11.59
N ALA A 215 -18.05 13.06 -10.33
CA ALA A 215 -16.88 13.88 -10.01
C ALA A 215 -15.58 13.17 -10.36
N LYS A 216 -15.54 11.88 -10.07
CA LYS A 216 -14.39 11.05 -10.40
C LYS A 216 -14.16 11.00 -11.91
N ASP A 217 -15.25 10.84 -12.65
CA ASP A 217 -15.17 10.80 -14.11
CA ASP A 217 -15.16 10.80 -14.11
C ASP A 217 -14.62 12.10 -14.69
N ILE A 218 -15.15 13.23 -14.22
CA ILE A 218 -14.64 14.54 -14.62
C ILE A 218 -13.14 14.64 -14.32
N THR A 219 -12.73 14.14 -13.15
CA THR A 219 -11.33 14.21 -12.75
C THR A 219 -10.44 13.41 -13.71
N TYR A 220 -10.85 12.19 -14.02
CA TYR A 220 -10.09 11.36 -14.95
C TYR A 220 -9.95 12.04 -16.31
N ARG A 221 -11.03 12.64 -16.80
CA ARG A 221 -11.02 13.29 -18.10
CA ARG A 221 -11.02 13.29 -18.10
C ARG A 221 -10.05 14.47 -18.13
N ILE A 222 -10.00 15.24 -17.05
CA ILE A 222 -9.06 16.36 -16.95
C ILE A 222 -7.63 15.86 -16.92
N LEU A 223 -7.36 14.85 -16.09
CA LEU A 223 -6.00 14.32 -15.95
C LEU A 223 -5.54 13.68 -17.27
N LYS A 224 -6.46 13.02 -17.97
CA LYS A 224 -6.13 12.47 -19.27
C LYS A 224 -5.84 13.55 -20.31
N LYS A 225 -6.64 14.60 -20.32
CA LYS A 225 -6.44 15.70 -21.26
C LYS A 225 -5.01 16.22 -21.18
N TYR A 226 -4.48 16.25 -19.96
CA TYR A 226 -3.18 16.84 -19.73
C TYR A 226 -2.10 15.78 -19.55
N HIS A 227 -2.43 14.54 -19.91
CA HIS A 227 -1.46 13.44 -19.99
C HIS A 227 -0.83 13.12 -18.63
N LEU A 228 -1.52 13.44 -17.56
CA LEU A 228 -1.09 13.00 -16.22
C LEU A 228 -1.56 11.58 -15.98
N MET A 229 -2.61 11.22 -16.68
CA MET A 229 -3.14 9.86 -16.67
CA MET A 229 -3.11 9.84 -16.68
C MET A 229 -3.12 9.31 -18.10
N GLU A 230 -2.73 8.05 -18.26
CA GLU A 230 -2.69 7.45 -19.58
C GLU A 230 -4.08 7.36 -20.18
N ALA A 231 -4.14 7.45 -21.50
CA ALA A 231 -5.39 7.23 -22.20
C ALA A 231 -5.77 5.75 -22.14
N SER A 232 -7.00 5.44 -22.48
CA SER A 232 -7.47 4.07 -22.55
C SER A 232 -6.95 3.42 -23.83
N VAL A 233 -5.69 2.99 -23.80
CA VAL A 233 -5.05 2.42 -24.99
C VAL A 233 -5.40 0.95 -25.16
N SER B 1 27.86 6.48 -6.49
CA SER B 1 27.77 5.05 -6.20
C SER B 1 28.24 4.74 -4.79
N ILE B 2 27.82 3.58 -4.28
CA ILE B 2 28.21 3.13 -2.94
C ILE B 2 29.30 2.07 -3.05
N ALA B 3 30.38 2.28 -2.32
CA ALA B 3 31.52 1.35 -2.34
C ALA B 3 31.39 0.34 -1.21
N TRP B 4 30.53 -0.66 -1.42
CA TRP B 4 30.20 -1.63 -0.39
C TRP B 4 31.40 -2.37 0.14
N SER B 5 31.42 -2.55 1.45
CA SER B 5 32.36 -3.41 2.13
C SER B 5 31.63 -3.96 3.34
N VAL B 6 31.42 -5.27 3.38
CA VAL B 6 30.53 -5.83 4.40
C VAL B 6 31.17 -6.98 5.17
N ASP B 7 32.48 -7.14 5.02
CA ASP B 7 33.22 -8.25 5.63
C ASP B 7 32.92 -8.36 7.12
N GLU B 8 32.82 -7.20 7.78
CA GLU B 8 32.74 -7.15 9.23
C GLU B 8 31.40 -7.68 9.76
N PHE B 9 30.44 -7.89 8.86
CA PHE B 9 29.13 -8.36 9.29
C PHE B 9 28.99 -9.88 9.19
N PHE B 10 30.00 -10.53 8.62
CA PHE B 10 29.96 -11.98 8.45
C PHE B 10 31.17 -12.65 9.12
N LYS B 11 31.70 -12.01 10.16
CA LYS B 11 32.85 -12.54 10.89
C LYS B 11 32.68 -13.99 11.34
N ASN B 12 33.54 -14.87 10.83
CA ASN B 12 33.55 -16.29 11.18
C ASN B 12 32.22 -16.98 10.93
N ARG B 13 31.46 -16.45 9.97
CA ARG B 13 30.20 -17.05 9.58
C ARG B 13 30.22 -17.33 8.09
N GLU B 14 29.28 -18.15 7.64
CA GLU B 14 29.10 -18.38 6.21
C GLU B 14 27.89 -17.59 5.74
N GLY B 15 28.12 -16.62 4.88
CA GLY B 15 27.05 -15.79 4.39
C GLY B 15 27.41 -15.06 3.13
N THR B 16 26.40 -14.47 2.51
CA THR B 16 26.60 -13.75 1.27
C THR B 16 25.66 -12.56 1.23
N PHE B 17 26.05 -11.53 0.48
CA PHE B 17 25.26 -10.33 0.33
C PHE B 17 25.30 -9.92 -1.13
N VAL B 18 24.12 -9.69 -1.70
CA VAL B 18 23.98 -9.29 -3.09
C VAL B 18 23.16 -8.00 -3.11
N ILE B 19 23.66 -6.96 -3.75
CA ILE B 19 22.92 -5.71 -3.77
C ILE B 19 23.17 -4.96 -5.07
N GLN B 20 22.13 -4.32 -5.59
CA GLN B 20 22.21 -3.70 -6.90
C GLN B 20 21.28 -2.51 -6.96
N GLU B 21 21.78 -1.34 -7.27
CA GLU B 21 20.89 -0.23 -7.54
C GLU B 21 20.15 -0.60 -8.83
N VAL B 22 18.87 -0.27 -8.92
CA VAL B 22 18.10 -0.67 -10.08
C VAL B 22 18.63 -0.10 -11.39
N LYS B 23 19.39 1.00 -11.34
CA LYS B 23 19.94 1.60 -12.54
C LYS B 23 21.33 1.04 -12.86
N GLU B 24 21.83 0.13 -12.02
CA GLU B 24 23.15 -0.48 -12.24
C GLU B 24 23.04 -1.72 -13.14
N LYS B 25 24.08 -1.98 -13.93
CA LYS B 25 24.01 -3.10 -14.87
C LYS B 25 24.10 -4.43 -14.18
N SER B 26 24.93 -4.50 -13.13
CA SER B 26 25.18 -5.77 -12.46
C SER B 26 25.18 -5.61 -10.94
N PRO B 27 24.87 -6.70 -10.21
CA PRO B 27 24.91 -6.58 -8.75
C PRO B 27 26.33 -6.60 -8.19
N TRP B 28 26.48 -5.98 -7.03
CA TRP B 28 27.67 -6.14 -6.21
C TRP B 28 27.48 -7.34 -5.30
N VAL B 29 28.52 -8.16 -5.16
CA VAL B 29 28.39 -9.42 -4.46
C VAL B 29 29.52 -9.65 -3.47
N TYR B 30 29.18 -9.99 -2.23
CA TYR B 30 30.13 -10.50 -1.25
C TYR B 30 29.93 -12.01 -1.13
N ASN B 31 31.03 -12.77 -1.26
CA ASN B 31 31.05 -14.24 -1.25
C ASN B 31 30.32 -14.79 -2.47
N LYS B 32 30.96 -14.71 -3.63
CA LYS B 32 30.33 -15.02 -4.89
C LYS B 32 29.94 -16.47 -5.01
N LYS B 33 30.72 -17.35 -4.38
CA LYS B 33 30.45 -18.78 -4.48
C LYS B 33 29.11 -19.11 -3.79
N ARG B 34 28.90 -18.56 -2.60
CA ARG B 34 27.65 -18.85 -1.88
C ARG B 34 26.48 -18.10 -2.53
N ALA B 35 26.76 -16.95 -3.13
CA ALA B 35 25.72 -16.19 -3.81
C ALA B 35 25.10 -16.95 -4.98
N LYS B 36 25.87 -17.90 -5.54
CA LYS B 36 25.40 -18.68 -6.68
C LYS B 36 24.80 -20.01 -6.26
N GLU B 37 24.92 -20.32 -4.97
CA GLU B 37 24.40 -21.56 -4.42
C GLU B 37 22.89 -21.44 -4.16
N ARG B 38 22.15 -22.51 -4.44
CA ARG B 38 20.70 -22.45 -4.27
C ARG B 38 20.27 -23.02 -2.92
N PHE B 39 19.33 -22.33 -2.28
CA PHE B 39 18.79 -22.72 -0.99
C PHE B 39 17.26 -22.68 -1.04
N ALA B 40 16.63 -23.51 -0.22
CA ALA B 40 15.18 -23.40 0.01
C ALA B 40 14.84 -21.96 0.34
N PRO B 41 13.81 -21.40 -0.32
CA PRO B 41 13.46 -19.98 -0.12
C PRO B 41 12.80 -19.69 1.22
N GLN B 42 12.27 -20.72 1.88
CA GLN B 42 11.53 -20.57 3.13
C GLN B 42 10.43 -19.52 2.95
N SER B 43 10.20 -18.66 3.95
CA SER B 43 9.12 -17.68 3.88
C SER B 43 9.31 -16.65 2.76
N THR B 44 10.50 -16.53 2.18
CA THR B 44 10.66 -15.55 1.12
C THR B 44 9.85 -15.92 -0.12
N PHE B 45 9.43 -17.19 -0.20
CA PHE B 45 8.58 -17.59 -1.32
C PHE B 45 7.23 -16.88 -1.30
N LYS B 46 6.82 -16.34 -0.15
CA LYS B 46 5.53 -15.66 -0.08
C LYS B 46 5.41 -14.58 -1.14
N VAL B 47 6.51 -13.95 -1.51
CA VAL B 47 6.48 -12.93 -2.56
C VAL B 47 5.96 -13.52 -3.87
N ALA B 48 6.54 -14.63 -4.30
CA ALA B 48 6.09 -15.27 -5.53
C ALA B 48 4.70 -15.87 -5.35
N ASN B 49 4.46 -16.48 -4.19
CA ASN B 49 3.17 -17.12 -3.91
C ASN B 49 2.02 -16.11 -4.02
N ALA B 50 2.21 -14.92 -3.45
CA ALA B 50 1.19 -13.88 -3.50
C ALA B 50 0.94 -13.41 -4.94
N LEU B 51 2.00 -13.21 -5.72
CA LEU B 51 1.87 -12.82 -7.12
C LEU B 51 1.02 -13.82 -7.90
N ILE B 52 1.31 -15.10 -7.69
CA ILE B 52 0.63 -16.18 -8.40
C ILE B 52 -0.82 -16.28 -7.93
N GLY B 53 -1.03 -16.13 -6.63
CA GLY B 53 -2.38 -16.17 -6.07
C GLY B 53 -3.28 -15.10 -6.64
N LEU B 54 -2.76 -13.88 -6.75
CA LEU B 54 -3.50 -12.78 -7.34
C LEU B 54 -3.73 -13.01 -8.85
N GLN B 55 -2.68 -13.43 -9.54
CA GLN B 55 -2.79 -13.61 -10.99
C GLN B 55 -3.79 -14.71 -11.35
N THR B 56 -3.85 -15.76 -10.54
CA THR B 56 -4.76 -16.88 -10.83
C THR B 56 -6.18 -16.67 -10.31
N GLY B 57 -6.37 -15.64 -9.48
CA GLY B 57 -7.68 -15.41 -8.90
C GLY B 57 -7.94 -16.23 -7.64
N ALA B 58 -6.92 -16.89 -7.13
CA ALA B 58 -7.07 -17.64 -5.87
C ALA B 58 -7.37 -16.70 -4.72
N VAL B 59 -6.81 -15.49 -4.78
CA VAL B 59 -7.13 -14.43 -3.83
C VAL B 59 -7.45 -13.15 -4.60
N ARG B 60 -8.25 -12.29 -3.99
CA ARG B 60 -8.83 -11.14 -4.65
C ARG B 60 -7.88 -9.94 -4.68
N ASP B 61 -7.24 -9.68 -3.54
CA ASP B 61 -6.41 -8.50 -3.33
C ASP B 61 -5.74 -8.62 -1.95
N GLU B 62 -5.05 -7.56 -1.53
CA GLU B 62 -4.32 -7.58 -0.27
C GLU B 62 -5.23 -7.67 0.94
N TYR B 63 -6.53 -7.44 0.74
CA TYR B 63 -7.51 -7.45 1.83
C TYR B 63 -8.35 -8.73 1.88
N ASP B 64 -7.95 -9.75 1.14
CA ASP B 64 -8.74 -10.97 1.05
C ASP B 64 -8.62 -11.75 2.36
N ILE B 65 -9.72 -11.82 3.11
CA ILE B 65 -9.71 -12.42 4.43
C ILE B 65 -9.81 -13.94 4.37
N LYS B 66 -8.91 -14.63 5.08
CA LYS B 66 -9.10 -16.05 5.35
C LYS B 66 -9.25 -16.24 6.84
N TYR B 67 -10.07 -17.22 7.20
CA TYR B 67 -10.45 -17.40 8.60
C TYR B 67 -9.57 -18.44 9.28
N TRP B 68 -9.03 -18.05 10.43
CA TRP B 68 -8.27 -18.93 11.29
C TRP B 68 -9.08 -20.16 11.66
N ASP B 69 -8.43 -21.32 11.70
CA ASP B 69 -9.12 -22.58 11.97
C ASP B 69 -9.33 -22.81 13.46
N GLY B 70 -8.89 -21.87 14.28
CA GLY B 70 -9.09 -21.94 15.71
C GLY B 70 -8.11 -22.82 16.45
N VAL B 71 -7.12 -23.36 15.72
CA VAL B 71 -6.04 -24.14 16.29
C VAL B 71 -4.95 -23.20 16.78
N LYS B 72 -4.60 -23.26 18.07
CA LYS B 72 -3.53 -22.40 18.59
C LYS B 72 -2.16 -22.86 18.10
N ARG B 73 -1.48 -21.99 17.37
CA ARG B 73 -0.15 -22.28 16.89
C ARG B 73 0.88 -21.55 17.76
N GLU B 74 2.16 -21.84 17.55
CA GLU B 74 3.19 -21.34 18.45
C GLU B 74 3.40 -19.83 18.36
N ILE B 75 3.14 -19.26 17.19
CA ILE B 75 3.32 -17.82 17.00
C ILE B 75 1.99 -17.13 17.27
N ASP B 76 1.98 -16.26 18.29
CA ASP B 76 0.74 -15.67 18.78
C ASP B 76 -0.05 -14.94 17.70
N ASN B 77 0.63 -14.14 16.87
CA ASN B 77 -0.14 -13.35 15.92
C ASN B 77 -0.63 -14.17 14.72
N TRP B 78 -0.33 -15.47 14.70
CA TRP B 78 -0.93 -16.36 13.71
C TRP B 78 -2.34 -16.79 14.09
N ASN B 79 -2.68 -16.63 15.36
CA ASN B 79 -3.92 -17.17 15.91
C ASN B 79 -5.08 -16.20 15.80
N ARG B 80 -5.31 -15.75 14.57
CA ARG B 80 -6.41 -14.84 14.27
C ARG B 80 -6.65 -14.84 12.77
N ASP B 81 -7.79 -14.30 12.36
CA ASP B 81 -8.09 -14.15 10.95
C ASP B 81 -7.05 -13.21 10.33
N HIS B 82 -6.73 -13.45 9.07
CA HIS B 82 -5.71 -12.67 8.38
C HIS B 82 -6.14 -12.35 6.97
N THR B 83 -5.48 -11.35 6.39
CA THR B 83 -5.64 -11.07 4.96
C THR B 83 -4.36 -11.48 4.23
N LEU B 84 -4.41 -11.46 2.90
CA LEU B 84 -3.23 -11.72 2.11
C LEU B 84 -2.09 -10.82 2.57
N GLY B 85 -2.40 -9.54 2.75
CA GLY B 85 -1.39 -8.57 3.15
C GLY B 85 -0.89 -8.73 4.57
N SER B 86 -1.80 -8.94 5.54
CA SER B 86 -1.30 -9.14 6.90
C SER B 86 -0.57 -10.49 6.99
N GLY B 87 -0.97 -11.44 6.13
CA GLY B 87 -0.30 -12.73 6.06
C GLY B 87 1.13 -12.58 5.62
N MET B 88 1.40 -11.64 4.70
CA MET B 88 2.77 -11.34 4.27
CA MET B 88 2.77 -11.40 4.30
C MET B 88 3.55 -10.75 5.44
N ARG B 89 2.98 -9.69 6.02
CA ARG B 89 3.61 -8.94 7.09
CA ARG B 89 3.65 -8.94 7.07
C ARG B 89 3.98 -9.80 8.29
N ASP B 90 3.06 -10.67 8.69
CA ASP B 90 3.26 -11.54 9.86
C ASP B 90 3.72 -12.95 9.48
N SER B 91 4.02 -13.14 8.20
CA SER B 91 4.51 -14.42 7.68
C SER B 91 3.63 -15.58 8.12
N VAL B 92 2.33 -15.43 7.90
CA VAL B 92 1.35 -16.40 8.38
C VAL B 92 1.27 -17.59 7.44
N VAL B 93 1.98 -18.65 7.81
CA VAL B 93 2.12 -19.79 6.92
C VAL B 93 0.78 -20.41 6.55
N TRP B 94 -0.14 -20.55 7.50
CA TRP B 94 -1.39 -21.27 7.20
C TRP B 94 -2.19 -20.55 6.13
N TYR B 95 -2.09 -19.23 6.09
CA TYR B 95 -2.80 -18.46 5.07
C TYR B 95 -2.24 -18.81 3.70
N TYR B 96 -0.91 -18.76 3.60
CA TYR B 96 -0.24 -18.96 2.32
C TYR B 96 -0.30 -20.42 1.86
N GLN B 97 -0.42 -21.35 2.81
CA GLN B 97 -0.65 -22.75 2.47
C GLN B 97 -2.06 -22.95 1.89
N ALA B 98 -3.04 -22.27 2.46
CA ALA B 98 -4.40 -22.38 1.95
C ALA B 98 -4.48 -21.80 0.53
N MET B 99 -3.80 -20.68 0.32
CA MET B 99 -3.73 -20.07 -1.01
C MET B 99 -3.03 -21.00 -2.00
N ALA B 100 -1.93 -21.60 -1.58
CA ALA B 100 -1.20 -22.53 -2.43
C ALA B 100 -2.09 -23.68 -2.90
N ARG B 101 -2.83 -24.26 -1.96
CA ARG B 101 -3.72 -25.37 -2.32
C ARG B 101 -4.77 -24.95 -3.33
N ASP B 102 -5.25 -23.70 -3.22
CA ASP B 102 -6.21 -23.18 -4.19
C ASP B 102 -5.58 -22.95 -5.56
N ILE B 103 -4.35 -22.44 -5.57
CA ILE B 103 -3.64 -22.27 -6.84
C ILE B 103 -3.47 -23.61 -7.55
N GLY B 104 -3.02 -24.62 -6.80
CA GLY B 104 -2.87 -25.96 -7.33
C GLY B 104 -1.57 -26.19 -8.10
N GLU B 105 -1.18 -27.45 -8.27
CA GLU B 105 0.12 -27.80 -8.89
C GLU B 105 0.31 -27.25 -10.28
N GLU B 106 -0.67 -27.46 -11.15
CA GLU B 106 -0.52 -27.08 -12.55
C GLU B 106 -0.23 -25.60 -12.69
N ARG B 107 -1.08 -24.79 -12.10
CA ARG B 107 -0.92 -23.36 -12.19
C ARG B 107 0.33 -22.90 -11.43
N MET B 108 0.59 -23.50 -10.28
CA MET B 108 1.80 -23.14 -9.51
C MET B 108 3.04 -23.50 -10.31
N ASN B 109 3.05 -24.69 -10.88
CA ASN B 109 4.16 -25.14 -11.70
C ASN B 109 4.32 -24.24 -12.91
N HIS B 110 3.20 -23.89 -13.55
CA HIS B 110 3.20 -23.01 -14.71
C HIS B 110 3.88 -21.68 -14.43
N TRP B 111 3.49 -21.03 -13.32
CA TRP B 111 3.97 -19.69 -13.04
C TRP B 111 5.38 -19.66 -12.45
N VAL B 112 5.72 -20.67 -11.66
CA VAL B 112 7.08 -20.79 -11.14
C VAL B 112 8.08 -20.97 -12.29
N LYS B 113 7.70 -21.73 -13.30
CA LYS B 113 8.50 -21.83 -14.53
C LYS B 113 8.59 -20.48 -15.26
N ALA B 114 7.46 -19.80 -15.40
CA ALA B 114 7.37 -18.59 -16.20
C ALA B 114 8.24 -17.46 -15.65
N ILE B 115 8.45 -17.44 -14.34
CA ILE B 115 9.26 -16.40 -13.74
C ILE B 115 10.67 -16.89 -13.43
N HIS B 116 10.97 -18.11 -13.83
CA HIS B 116 12.29 -18.70 -13.70
C HIS B 116 12.79 -18.65 -12.25
N TYR B 117 11.96 -19.15 -11.34
CA TYR B 117 12.28 -19.11 -9.91
C TYR B 117 13.18 -20.27 -9.48
N GLY B 118 14.48 -20.02 -9.44
CA GLY B 118 15.43 -21.02 -8.99
C GLY B 118 15.39 -22.30 -9.82
N ASN B 119 15.44 -23.45 -9.16
CA ASN B 119 15.38 -24.72 -9.85
C ASN B 119 13.97 -25.10 -10.30
N LYS B 120 12.99 -24.28 -9.91
CA LYS B 120 11.60 -24.43 -10.36
C LYS B 120 10.95 -25.75 -9.94
N ASP B 121 11.49 -26.39 -8.91
CA ASP B 121 11.03 -27.71 -8.49
C ASP B 121 10.04 -27.65 -7.32
N ILE B 122 8.76 -27.83 -7.60
CA ILE B 122 7.74 -27.74 -6.55
C ILE B 122 7.18 -29.10 -6.15
N SER B 123 7.93 -30.17 -6.45
CA SER B 123 7.41 -31.51 -6.25
C SER B 123 7.31 -31.94 -4.79
N GLY B 124 7.83 -31.12 -3.88
CA GLY B 124 7.78 -31.45 -2.46
C GLY B 124 6.39 -31.45 -1.85
N GLY B 125 5.40 -31.06 -2.63
CA GLY B 125 4.03 -31.00 -2.15
C GLY B 125 3.49 -29.59 -2.22
N ILE B 126 2.24 -29.44 -2.63
CA ILE B 126 1.67 -28.14 -2.98
C ILE B 126 1.74 -27.07 -1.87
N ASP B 127 1.65 -27.48 -0.60
CA ASP B 127 1.73 -26.51 0.47
C ASP B 127 2.98 -26.71 1.33
N GLN B 128 4.00 -27.33 0.75
CA GLN B 128 5.19 -27.67 1.51
C GLN B 128 6.50 -27.40 0.78
N PHE B 129 6.43 -27.20 -0.54
CA PHE B 129 7.63 -27.30 -1.38
C PHE B 129 8.66 -26.18 -1.20
N TRP B 130 8.25 -25.09 -0.57
CA TRP B 130 9.14 -23.94 -0.41
C TRP B 130 9.79 -23.93 0.96
N LEU B 131 9.49 -24.96 1.75
CA LEU B 131 9.91 -25.05 3.14
C LEU B 131 10.91 -26.19 3.37
N SER B 132 12.21 -25.89 3.26
CA SER B 132 13.27 -26.88 3.45
C SER B 132 12.98 -28.11 2.61
N SER B 133 12.57 -27.88 1.37
CA SER B 133 12.05 -28.93 0.50
C SER B 133 12.72 -28.90 -0.86
N THR B 134 11.94 -29.11 -1.91
CA THR B 134 12.48 -29.31 -3.25
C THR B 134 12.85 -28.03 -3.98
N LEU B 135 12.14 -26.94 -3.70
CA LEU B 135 12.41 -25.70 -4.41
C LEU B 135 13.61 -24.99 -3.80
N ARG B 136 14.55 -24.58 -4.65
CA ARG B 136 15.76 -23.92 -4.18
C ARG B 136 16.13 -22.78 -5.12
N ILE B 137 16.62 -21.68 -4.54
CA ILE B 137 16.92 -20.49 -5.31
C ILE B 137 18.19 -19.84 -4.74
N SER B 138 19.01 -19.25 -5.61
CA SER B 138 20.25 -18.61 -5.15
C SER B 138 20.01 -17.15 -4.78
N PRO B 139 20.88 -16.60 -3.93
CA PRO B 139 20.77 -15.17 -3.61
C PRO B 139 20.85 -14.28 -4.85
N ILE B 140 21.72 -14.61 -5.81
CA ILE B 140 21.77 -13.89 -7.07
C ILE B 140 20.43 -13.95 -7.81
N GLU B 141 19.82 -15.13 -7.83
CA GLU B 141 18.51 -15.31 -8.47
C GLU B 141 17.39 -14.56 -7.75
N GLN B 142 17.46 -14.48 -6.42
CA GLN B 142 16.48 -13.70 -5.66
C GLN B 142 16.53 -12.24 -6.10
N VAL B 143 17.74 -11.70 -6.25
CA VAL B 143 17.87 -10.30 -6.66
C VAL B 143 17.39 -10.11 -8.10
N ARG B 144 17.70 -11.06 -8.99
CA ARG B 144 17.18 -11.02 -10.36
C ARG B 144 15.65 -10.96 -10.36
N PHE B 145 15.05 -11.86 -9.59
CA PHE B 145 13.59 -11.95 -9.46
C PHE B 145 12.98 -10.66 -8.92
N LEU B 146 13.54 -10.17 -7.81
CA LEU B 146 13.02 -8.96 -7.19
C LEU B 146 13.28 -7.70 -8.02
N LYS B 147 14.36 -7.70 -8.81
CA LYS B 147 14.59 -6.57 -9.68
C LYS B 147 13.52 -6.50 -10.76
N GLN B 148 13.14 -7.67 -11.29
CA GLN B 148 12.06 -7.74 -12.27
C GLN B 148 10.72 -7.32 -11.67
N LEU B 149 10.50 -7.69 -10.41
CA LEU B 149 9.30 -7.28 -9.70
C LEU B 149 9.29 -5.76 -9.58
N TYR B 150 10.43 -5.19 -9.20
CA TYR B 150 10.48 -3.75 -8.98
C TYR B 150 10.27 -3.00 -10.30
N GLU B 151 10.93 -3.47 -11.36
CA GLU B 151 10.85 -2.81 -12.66
C GLU B 151 9.60 -3.22 -13.41
N GLU B 152 8.83 -4.13 -12.82
CA GLU B 152 7.53 -4.55 -13.35
C GLU B 152 7.66 -5.14 -14.76
N THR B 153 8.68 -5.99 -14.93
CA THR B 153 8.91 -6.67 -16.20
C THR B 153 8.56 -8.15 -16.12
N LEU B 154 8.17 -8.61 -14.93
CA LEU B 154 7.61 -9.94 -14.76
C LEU B 154 6.31 -10.08 -15.55
N PRO B 155 5.94 -11.30 -15.94
CA PRO B 155 4.72 -11.54 -16.72
C PRO B 155 3.44 -11.54 -15.88
N PHE B 156 3.38 -10.68 -14.87
CA PHE B 156 2.18 -10.52 -14.07
C PHE B 156 1.49 -9.22 -14.45
N ASP B 157 0.20 -9.10 -14.17
CA ASP B 157 -0.50 -7.84 -14.37
C ASP B 157 0.17 -6.76 -13.51
N LEU B 158 0.29 -5.55 -14.06
CA LEU B 158 0.91 -4.44 -13.33
C LEU B 158 0.28 -4.26 -11.96
N LYS B 159 -1.05 -4.30 -11.91
CA LYS B 159 -1.79 -4.17 -10.67
C LYS B 159 -1.33 -5.14 -9.59
N ASN B 160 -1.06 -6.38 -9.99
CA ASN B 160 -0.68 -7.40 -9.01
C ASN B 160 0.74 -7.18 -8.49
N MET B 161 1.63 -6.68 -9.35
CA MET B 161 2.99 -6.41 -8.90
C MET B 161 3.00 -5.22 -7.95
N ARG B 162 2.18 -4.21 -8.23
CA ARG B 162 2.10 -3.05 -7.36
C ARG B 162 1.49 -3.46 -6.01
N THR B 163 0.50 -4.33 -6.05
CA THR B 163 -0.12 -4.82 -4.83
C THR B 163 0.90 -5.56 -3.95
N VAL B 164 1.65 -6.47 -4.55
CA VAL B 164 2.60 -7.25 -3.78
C VAL B 164 3.71 -6.37 -3.22
N LYS B 165 4.16 -5.38 -3.99
CA LYS B 165 5.18 -4.49 -3.45
C LYS B 165 4.61 -3.68 -2.26
N ARG B 166 3.35 -3.23 -2.34
CA ARG B 166 2.78 -2.52 -1.22
C ARG B 166 2.73 -3.44 0.01
N MET B 167 2.45 -4.72 -0.21
CA MET B 167 2.36 -5.66 0.91
C MET B 167 3.71 -5.94 1.56
N MET B 168 4.80 -5.66 0.85
CA MET B 168 6.15 -5.95 1.33
C MET B 168 6.78 -4.86 2.21
N VAL B 169 6.06 -3.76 2.42
CA VAL B 169 6.61 -2.68 3.24
C VAL B 169 7.00 -3.18 4.64
N GLN B 170 8.25 -2.89 5.01
CA GLN B 170 8.83 -3.32 6.26
C GLN B 170 9.12 -2.15 7.20
N GLU B 171 9.71 -1.09 6.65
CA GLU B 171 10.05 0.09 7.44
C GLU B 171 9.75 1.33 6.65
N GLU B 172 9.21 2.33 7.32
CA GLU B 172 8.95 3.64 6.71
C GLU B 172 9.72 4.72 7.46
N GLU B 173 10.61 5.43 6.76
CA GLU B 173 11.36 6.52 7.34
C GLU B 173 11.21 7.75 6.46
N LYS B 174 11.63 8.91 6.96
CA LYS B 174 11.44 10.15 6.23
C LYS B 174 11.92 10.06 4.79
N HIS B 175 13.13 9.54 4.59
CA HIS B 175 13.71 9.50 3.26
C HIS B 175 13.86 8.09 2.68
N ALA B 176 13.20 7.11 3.27
CA ALA B 176 13.37 5.73 2.81
C ALA B 176 12.19 4.85 3.14
N THR B 177 11.97 3.86 2.28
CA THR B 177 11.06 2.77 2.60
C THR B 177 11.81 1.48 2.33
N LEU B 178 11.88 0.62 3.33
CA LEU B 178 12.40 -0.74 3.13
C LEU B 178 11.26 -1.71 2.86
N TYR B 179 11.42 -2.50 1.81
CA TYR B 179 10.52 -3.58 1.46
C TYR B 179 11.26 -4.88 1.62
N GLY B 180 10.65 -5.90 2.17
CA GLY B 180 11.38 -7.16 2.21
C GLY B 180 10.68 -8.25 2.96
N LYS B 181 11.33 -9.41 2.99
CA LYS B 181 10.79 -10.58 3.61
C LYS B 181 11.89 -11.43 4.21
N THR B 182 11.71 -11.81 5.47
CA THR B 182 12.59 -12.75 6.16
C THR B 182 12.30 -14.19 5.76
N GLY B 183 13.31 -15.04 5.77
CA GLY B 183 13.09 -16.47 5.63
C GLY B 183 13.98 -17.21 6.61
N SER B 184 13.52 -18.33 7.14
CA SER B 184 14.30 -19.07 8.12
C SER B 184 13.88 -20.53 8.19
N GLY B 185 14.80 -21.36 8.67
CA GLY B 185 14.54 -22.78 8.85
C GLY B 185 15.73 -23.61 8.38
N SER B 186 16.04 -24.66 9.14
CA SER B 186 17.11 -25.59 8.78
C SER B 186 18.43 -24.88 8.49
N ASP B 187 18.75 -23.89 9.32
CA ASP B 187 20.00 -23.13 9.22
CA ASP B 187 20.00 -23.12 9.22
C ASP B 187 20.14 -22.35 7.91
N ILE B 188 19.02 -22.01 7.30
CA ILE B 188 19.00 -21.15 6.13
C ILE B 188 18.37 -19.83 6.55
N GLY B 189 19.15 -18.76 6.56
CA GLY B 189 18.64 -17.47 6.96
C GLY B 189 18.61 -16.52 5.79
N TRP B 190 17.43 -15.99 5.49
CA TRP B 190 17.26 -15.05 4.38
C TRP B 190 16.74 -13.70 4.85
N TYR B 191 17.19 -12.63 4.19
CA TYR B 191 16.38 -11.43 4.11
C TYR B 191 16.50 -10.94 2.67
N VAL B 192 15.38 -10.81 1.97
CA VAL B 192 15.43 -10.34 0.59
C VAL B 192 14.44 -9.20 0.40
N GLY B 193 14.75 -8.28 -0.49
CA GLY B 193 13.84 -7.17 -0.71
C GLY B 193 14.47 -6.03 -1.47
N PHE B 194 13.99 -4.83 -1.19
CA PHE B 194 14.56 -3.65 -1.81
C PHE B 194 14.31 -2.43 -0.95
N ILE B 195 15.22 -1.47 -1.03
CA ILE B 195 15.05 -0.24 -0.29
C ILE B 195 15.06 0.95 -1.23
N LYS B 196 14.01 1.75 -1.12
CA LYS B 196 13.93 3.01 -1.84
C LYS B 196 14.43 4.11 -0.93
N HIS B 197 15.50 4.78 -1.32
CA HIS B 197 16.00 5.93 -0.58
C HIS B 197 16.03 7.10 -1.54
N GLU B 198 15.19 8.09 -1.27
CA GLU B 198 14.85 9.16 -2.22
C GLU B 198 14.78 8.65 -3.66
N HIS B 199 15.72 9.02 -4.53
CA HIS B 199 15.61 8.64 -5.93
C HIS B 199 16.49 7.46 -6.31
N LYS B 200 16.95 6.72 -5.31
CA LYS B 200 17.70 5.51 -5.54
C LYS B 200 16.93 4.33 -4.97
N THR B 201 17.00 3.19 -5.66
CA THR B 201 16.41 1.96 -5.15
C THR B 201 17.43 0.86 -5.27
N TYR B 202 17.61 0.11 -4.19
CA TYR B 202 18.57 -0.98 -4.17
C TYR B 202 17.84 -2.30 -3.95
N ILE B 203 18.06 -3.25 -4.85
CA ILE B 203 17.54 -4.61 -4.71
C ILE B 203 18.57 -5.43 -3.94
N LEU B 204 18.14 -6.26 -2.99
CA LEU B 204 19.10 -6.96 -2.16
C LEU B 204 18.69 -8.36 -1.70
N ALA B 205 19.71 -9.18 -1.42
CA ALA B 205 19.51 -10.47 -0.80
C ALA B 205 20.65 -10.73 0.17
N THR B 206 20.28 -11.07 1.40
CA THR B 206 21.22 -11.53 2.42
C THR B 206 20.92 -12.99 2.69
N ASN B 207 21.95 -13.81 2.67
CA ASN B 207 21.74 -15.21 2.97
C ASN B 207 22.86 -15.70 3.84
N ILE B 208 22.50 -16.36 4.93
CA ILE B 208 23.51 -16.84 5.88
CA ILE B 208 23.50 -16.82 5.90
C ILE B 208 23.19 -18.25 6.33
N LYS B 209 24.24 -18.98 6.72
CA LYS B 209 24.03 -20.23 7.40
C LYS B 209 23.71 -19.82 8.82
N GLY B 210 22.42 -19.74 9.13
CA GLY B 210 21.96 -19.22 10.40
C GLY B 210 20.48 -18.93 10.30
N THR B 211 20.02 -17.91 11.01
CA THR B 211 18.60 -17.64 11.12
C THR B 211 18.18 -16.42 10.30
N GLY B 212 16.88 -16.32 10.04
CA GLY B 212 16.34 -15.16 9.35
C GLY B 212 16.51 -13.87 10.14
N ILE B 213 16.39 -13.97 11.46
CA ILE B 213 16.62 -12.84 12.36
C ILE B 213 18.04 -12.29 12.17
N GLU B 214 19.02 -13.19 12.13
CA GLU B 214 20.40 -12.78 11.89
C GLU B 214 20.57 -12.13 10.51
N ALA B 215 19.93 -12.70 9.49
CA ALA B 215 20.02 -12.16 8.13
C ALA B 215 19.41 -10.77 8.07
N LYS B 216 18.28 -10.58 8.73
CA LYS B 216 17.62 -9.28 8.76
C LYS B 216 18.48 -8.26 9.51
N ASP B 217 19.06 -8.68 10.62
CA ASP B 217 19.91 -7.78 11.41
C ASP B 217 21.13 -7.32 10.60
N ILE B 218 21.79 -8.26 9.94
CA ILE B 218 22.93 -7.96 9.08
C ILE B 218 22.52 -6.95 8.01
N THR B 219 21.35 -7.17 7.40
CA THR B 219 20.86 -6.29 6.35
C THR B 219 20.69 -4.87 6.88
N TYR B 220 20.00 -4.74 8.01
CA TYR B 220 19.79 -3.42 8.61
C TYR B 220 21.13 -2.74 8.92
N ARG B 221 22.10 -3.48 9.45
CA ARG B 221 23.40 -2.90 9.81
CA ARG B 221 23.39 -2.89 9.81
C ARG B 221 24.13 -2.39 8.57
N ILE B 222 24.04 -3.14 7.48
CA ILE B 222 24.68 -2.73 6.24
C ILE B 222 24.02 -1.47 5.70
N LEU B 223 22.68 -1.46 5.64
CA LEU B 223 21.98 -0.30 5.12
C LEU B 223 22.21 0.94 6.00
N LYS B 224 22.33 0.74 7.30
CA LYS B 224 22.64 1.87 8.20
C LYS B 224 24.08 2.36 8.03
N LYS B 225 25.00 1.44 7.81
CA LYS B 225 26.40 1.82 7.61
C LYS B 225 26.52 2.80 6.46
N TYR B 226 25.74 2.56 5.40
CA TYR B 226 25.82 3.39 4.21
C TYR B 226 24.69 4.41 4.11
N HIS B 227 24.03 4.64 5.25
CA HIS B 227 23.10 5.75 5.44
C HIS B 227 21.88 5.65 4.54
N LEU B 228 21.50 4.43 4.18
CA LEU B 228 20.25 4.22 3.46
C LEU B 228 19.08 4.07 4.43
N MET B 229 19.41 3.71 5.68
CA MET B 229 18.47 3.77 6.81
C MET B 229 19.02 4.63 7.92
N GLU B 230 18.13 5.21 8.71
CA GLU B 230 18.53 6.03 9.85
C GLU B 230 19.21 5.19 10.93
N ALA B 231 20.13 5.82 11.66
CA ALA B 231 20.82 5.15 12.76
C ALA B 231 19.85 4.83 13.90
N SER B 232 20.10 3.72 14.59
CA SER B 232 19.24 3.29 15.69
C SER B 232 19.78 3.77 17.03
#